data_3IPQ
#
_entry.id   3IPQ
#
_cell.length_a   125.593
_cell.length_b   125.593
_cell.length_c   92.405
_cell.angle_alpha   90.00
_cell.angle_beta   90.00
_cell.angle_gamma   90.00
#
_symmetry.space_group_name_H-M   'I 4 2 2'
#
loop_
_entity.id
_entity.type
_entity.pdbx_description
1 polymer 'Oxysterols receptor LXR-alpha'
2 polymer 'Nuclear receptor coactivator 1'
3 non-polymer '[3-(3-{[2-chloro-3-(trifluoromethyl)benzyl](2,2-diphenylethyl)amino}propoxy)phenyl]acetic acid'
4 non-polymer 'SULFATE ION'
5 water water
#
loop_
_entity_poly.entity_id
_entity_poly.type
_entity_poly.pdbx_seq_one_letter_code
_entity_poly.pdbx_strand_id
1 'polypeptide(L)'
;MKHQHQHQHQHQHQQPLQEEEQAHATSLPPRASSPPQILPQLSPEQLGMIEKLVAAQQQCNRRSFSDRLRVTPWPMAPDP
HSREARQQRFAHFTELAIVSVQEIVDFAKQLPGFLQLSREDQIALLKTSAIEVMLLETSRRYNPGSESITFLKDFSYNRE
DFAKAGLQVEFINPIFEFSRAMNELQLNDAEFALLIAISIFSADRPNVQDQLQVERLQHTYVEALHAYVSIHHPHDRLMF
PRMLMKLVSLRTLSSVHSEQVFALRLQDKKLPPLLSEIWDVHE
;
A
2 'polypeptide(L)' CPSSHSSLTERHKILHRLLQEGSPS B
#
# COMPACT_ATOMS: atom_id res chain seq x y z
N GLN A 41 15.40 -22.23 4.45
CA GLN A 41 14.43 -23.38 4.61
C GLN A 41 13.09 -22.96 5.28
N LEU A 42 11.99 -23.07 4.56
CA LEU A 42 10.71 -22.58 5.05
C LEU A 42 10.17 -23.49 6.13
N SER A 43 9.97 -22.94 7.33
CA SER A 43 9.47 -23.71 8.45
C SER A 43 7.96 -23.88 8.37
N PRO A 44 7.43 -24.85 9.12
CA PRO A 44 5.99 -24.96 9.16
C PRO A 44 5.30 -23.71 9.68
N GLU A 45 5.95 -23.03 10.63
CA GLU A 45 5.36 -21.82 11.23
C GLU A 45 5.30 -20.72 10.17
N GLN A 46 6.36 -20.57 9.39
CA GLN A 46 6.41 -19.57 8.35
C GLN A 46 5.38 -19.85 7.24
N LEU A 47 5.28 -21.12 6.85
CA LEU A 47 4.34 -21.59 5.83
C LEU A 47 2.92 -21.24 6.24
N GLY A 48 2.55 -21.59 7.47
CA GLY A 48 1.24 -21.29 8.05
C GLY A 48 0.94 -19.80 8.14
N MET A 49 1.93 -19.02 8.56
CA MET A 49 1.81 -17.56 8.59
C MET A 49 1.54 -16.96 7.20
N ILE A 50 2.30 -17.35 6.21
CA ILE A 50 2.13 -16.85 4.85
C ILE A 50 0.77 -17.22 4.29
N GLU A 51 0.39 -18.49 4.45
CA GLU A 51 -0.93 -18.94 3.96
C GLU A 51 -2.07 -18.12 4.55
N LYS A 52 -1.94 -17.78 5.84
CA LYS A 52 -2.94 -16.98 6.54
C LYS A 52 -3.03 -15.59 5.98
N LEU A 53 -1.89 -14.96 5.72
CA LEU A 53 -1.89 -13.65 5.09
C LEU A 53 -2.57 -13.65 3.71
N VAL A 54 -2.22 -14.64 2.88
CA VAL A 54 -2.80 -14.78 1.54
C VAL A 54 -4.33 -14.96 1.63
N ALA A 55 -4.77 -15.84 2.51
CA ALA A 55 -6.16 -16.08 2.75
C ALA A 55 -6.88 -14.78 3.24
N ALA A 56 -6.19 -13.97 4.04
CA ALA A 56 -6.77 -12.71 4.53
C ALA A 56 -7.06 -11.71 3.40
N GLN A 57 -6.33 -11.82 2.29
CA GLN A 57 -6.48 -10.92 1.17
C GLN A 57 -7.43 -11.42 0.10
N GLN A 58 -7.88 -12.67 0.21
CA GLN A 58 -8.78 -13.20 -0.83
C GLN A 58 -10.19 -12.62 -0.63
N THR A 72 -19.85 6.42 -6.40
CA THR A 72 -20.12 7.35 -7.49
C THR A 72 -19.77 6.67 -8.80
N PRO A 73 -20.62 6.84 -9.84
CA PRO A 73 -20.29 6.22 -11.13
C PRO A 73 -19.19 6.98 -11.89
N TRP A 74 -18.44 6.25 -12.70
CA TRP A 74 -17.58 6.85 -13.71
C TRP A 74 -18.45 7.46 -14.81
N PRO A 75 -18.16 8.71 -15.22
CA PRO A 75 -18.89 9.34 -16.32
C PRO A 75 -18.38 8.90 -17.69
N GLU A 84 -16.32 20.41 -14.67
CA GLU A 84 -16.81 19.44 -13.67
C GLU A 84 -17.69 18.35 -14.28
N ALA A 85 -17.42 17.12 -13.82
CA ALA A 85 -17.46 15.90 -14.64
C ALA A 85 -16.06 15.29 -14.46
N ARG A 86 -15.07 16.17 -14.57
CA ARG A 86 -13.72 16.00 -14.03
C ARG A 86 -13.75 15.61 -12.55
N GLN A 87 -14.58 16.30 -11.76
CA GLN A 87 -14.63 16.06 -10.31
C GLN A 87 -15.51 14.86 -9.95
N GLN A 88 -16.38 14.44 -10.86
CA GLN A 88 -17.08 13.17 -10.69
C GLN A 88 -16.10 11.99 -10.82
N ARG A 89 -15.14 12.13 -11.76
CA ARG A 89 -14.04 11.18 -11.94
C ARG A 89 -13.16 11.13 -10.70
N PHE A 90 -12.87 12.31 -10.19
CA PHE A 90 -12.11 12.49 -8.95
C PHE A 90 -12.85 11.92 -7.75
N ALA A 91 -14.16 12.06 -7.71
CA ALA A 91 -14.94 11.50 -6.61
C ALA A 91 -14.94 9.97 -6.71
N HIS A 92 -15.09 9.45 -7.93
CA HIS A 92 -15.05 8.01 -8.15
C HIS A 92 -13.71 7.39 -7.63
N PHE A 93 -12.60 7.98 -8.06
CA PHE A 93 -11.22 7.57 -7.68
C PHE A 93 -10.95 7.71 -6.19
N THR A 94 -11.28 8.87 -5.60
CA THR A 94 -11.12 9.06 -4.15
C THR A 94 -11.97 8.07 -3.34
N GLU A 95 -13.11 7.66 -3.89
CA GLU A 95 -13.94 6.69 -3.21
C GLU A 95 -13.34 5.30 -3.30
N LEU A 96 -12.72 4.97 -4.41
CA LEU A 96 -12.01 3.69 -4.53
C LEU A 96 -10.81 3.63 -3.58
N ALA A 97 -10.08 4.74 -3.45
CA ALA A 97 -8.97 4.89 -2.52
C ALA A 97 -9.39 4.64 -1.08
N ILE A 98 -10.57 5.12 -0.69
CA ILE A 98 -11.16 4.85 0.62
C ILE A 98 -11.39 3.35 0.83
N VAL A 99 -11.91 2.68 -0.19
CA VAL A 99 -12.05 1.23 -0.14
C VAL A 99 -10.67 0.55 0.08
N SER A 100 -9.65 0.99 -0.65
CA SER A 100 -8.31 0.43 -0.46
C SER A 100 -7.79 0.66 0.96
N VAL A 101 -7.91 1.88 1.49
CA VAL A 101 -7.46 2.16 2.84
C VAL A 101 -8.17 1.26 3.85
N GLN A 102 -9.49 1.06 3.71
CA GLN A 102 -10.27 0.18 4.60
C GLN A 102 -9.74 -1.25 4.59
N GLU A 103 -9.41 -1.75 3.39
CA GLU A 103 -8.81 -3.06 3.20
C GLU A 103 -7.40 -3.14 3.82
N ILE A 104 -6.61 -2.09 3.68
CA ILE A 104 -5.28 -2.03 4.27
C ILE A 104 -5.35 -2.17 5.81
N VAL A 105 -6.28 -1.46 6.43
CA VAL A 105 -6.47 -1.52 7.85
C VAL A 105 -6.94 -2.90 8.27
N ASP A 106 -7.85 -3.49 7.50
CA ASP A 106 -8.34 -4.84 7.83
C ASP A 106 -7.21 -5.87 7.73
N PHE A 107 -6.38 -5.75 6.71
CA PHE A 107 -5.24 -6.64 6.59
C PHE A 107 -4.22 -6.47 7.73
N ALA A 108 -3.86 -5.21 8.05
CA ALA A 108 -2.93 -4.91 9.13
C ALA A 108 -3.33 -5.55 10.43
N LYS A 109 -4.60 -5.48 10.76
CA LYS A 109 -5.13 -6.09 11.99
C LYS A 109 -4.93 -7.61 12.03
N GLN A 110 -4.86 -8.24 10.85
CA GLN A 110 -4.59 -9.67 10.75
C GLN A 110 -3.08 -10.01 10.80
N LEU A 111 -2.17 -9.02 10.71
CA LEU A 111 -0.74 -9.29 10.76
C LEU A 111 -0.30 -9.66 12.17
N PRO A 112 0.30 -10.86 12.33
CA PRO A 112 0.88 -11.19 13.62
C PRO A 112 1.75 -10.07 14.19
N GLY A 113 1.49 -9.71 15.45
CA GLY A 113 2.23 -8.62 16.11
C GLY A 113 1.57 -7.24 16.06
N PHE A 114 0.72 -6.99 15.06
CA PHE A 114 0.22 -5.64 14.82
C PHE A 114 -0.66 -5.04 15.98
N LEU A 115 -1.70 -5.77 16.35
CA LEU A 115 -2.60 -5.41 17.42
C LEU A 115 -1.99 -5.41 18.81
N GLN A 116 -0.75 -5.94 18.97
CA GLN A 116 -0.05 -5.89 20.26
C GLN A 116 0.76 -4.57 20.39
N LEU A 117 1.00 -3.90 19.27
CA LEU A 117 1.59 -2.56 19.33
C LEU A 117 0.55 -1.64 19.99
N SER A 118 0.99 -0.52 20.58
CA SER A 118 0.06 0.52 21.06
C SER A 118 -0.85 0.94 19.91
N ARG A 119 -2.09 1.33 20.19
CA ARG A 119 -2.94 1.90 19.14
C ARG A 119 -2.28 3.10 18.46
N GLU A 120 -1.51 3.87 19.24
CA GLU A 120 -0.81 5.01 18.67
C GLU A 120 0.26 4.54 17.64
N ASP A 121 0.99 3.49 17.97
CA ASP A 121 1.96 2.92 17.02
C ASP A 121 1.24 2.33 15.77
N GLN A 122 0.07 1.72 15.96
CA GLN A 122 -0.73 1.21 14.83
C GLN A 122 -1.03 2.34 13.87
N ILE A 123 -1.44 3.48 14.45
CA ILE A 123 -1.83 4.63 13.67
C ILE A 123 -0.61 5.23 13.03
N ALA A 124 0.48 5.33 13.77
CA ALA A 124 1.74 5.83 13.18
C ALA A 124 2.15 5.01 11.94
N LEU A 125 2.08 3.69 12.06
CA LEU A 125 2.51 2.82 10.95
C LEU A 125 1.56 2.92 9.77
N LEU A 126 0.26 2.92 10.03
CA LEU A 126 -0.76 2.96 8.96
C LEU A 126 -0.83 4.30 8.24
N LYS A 127 -0.70 5.39 8.99
CA LYS A 127 -0.65 6.74 8.41
C LYS A 127 0.31 6.86 7.24
N THR A 128 1.56 6.43 7.42
CA THR A 128 2.54 6.59 6.38
C THR A 128 2.73 5.38 5.42
N SER A 129 2.37 4.18 5.84
CA SER A 129 2.43 3.02 4.94
C SER A 129 1.26 2.91 3.98
N ALA A 130 0.11 3.54 4.32
CA ALA A 130 -1.07 3.41 3.49
C ALA A 130 -0.81 3.71 2.03
N ILE A 131 -0.10 4.78 1.69
CA ILE A 131 0.15 5.09 0.27
C ILE A 131 1.02 4.03 -0.41
N GLU A 132 2.02 3.53 0.35
CA GLU A 132 2.95 2.52 -0.19
C GLU A 132 2.21 1.22 -0.46
N VAL A 133 1.35 0.81 0.48
CA VAL A 133 0.56 -0.42 0.32
C VAL A 133 -0.45 -0.22 -0.86
N MET A 134 -1.02 0.97 -0.98
CA MET A 134 -1.93 1.29 -2.10
C MET A 134 -1.20 1.18 -3.46
N LEU A 135 0.05 1.63 -3.48
CA LEU A 135 0.88 1.55 -4.66
C LEU A 135 1.21 0.08 -5.00
N LEU A 136 1.54 -0.73 -3.98
CA LEU A 136 1.75 -2.17 -4.18
C LEU A 136 0.51 -2.86 -4.74
N GLU A 137 -0.63 -2.59 -4.10
CA GLU A 137 -1.91 -3.11 -4.55
C GLU A 137 -2.28 -2.69 -6.00
N THR A 138 -1.99 -1.46 -6.35
CA THR A 138 -2.17 -0.94 -7.71
C THR A 138 -1.27 -1.64 -8.75
N SER A 139 -0.01 -1.85 -8.39
CA SER A 139 0.94 -2.56 -9.26
C SER A 139 0.45 -3.94 -9.57
N ARG A 140 -0.23 -4.55 -8.59
CA ARG A 140 -0.70 -5.90 -8.69
C ARG A 140 -1.90 -6.00 -9.63
N ARG A 141 -2.58 -4.87 -9.83
CA ARG A 141 -3.78 -4.77 -10.65
C ARG A 141 -3.52 -4.24 -12.06
N TYR A 142 -2.23 -4.16 -12.40
CA TYR A 142 -1.79 -3.53 -13.63
C TYR A 142 -1.83 -4.56 -14.75
N ASN A 143 -2.31 -4.16 -15.92
CA ASN A 143 -2.47 -5.07 -17.06
C ASN A 143 -1.48 -4.61 -18.11
N PRO A 144 -0.36 -5.35 -18.28
CA PRO A 144 0.67 -4.86 -19.18
C PRO A 144 0.21 -4.79 -20.65
N GLY A 145 -0.58 -5.76 -21.07
CA GLY A 145 -1.07 -5.83 -22.45
C GLY A 145 -1.90 -4.63 -22.86
N SER A 146 -2.80 -4.19 -21.99
CA SER A 146 -3.65 -3.02 -22.27
C SER A 146 -3.11 -1.74 -21.65
N GLU A 147 -2.00 -1.86 -20.90
CA GLU A 147 -1.44 -0.76 -20.14
C GLU A 147 -2.47 -0.05 -19.24
N SER A 148 -3.33 -0.84 -18.59
CA SER A 148 -4.41 -0.33 -17.76
C SER A 148 -4.28 -0.87 -16.31
N ILE A 149 -5.05 -0.27 -15.40
CA ILE A 149 -5.15 -0.79 -14.02
C ILE A 149 -6.61 -1.03 -13.73
N THR A 150 -6.91 -2.19 -13.17
CA THR A 150 -8.28 -2.60 -12.86
C THR A 150 -8.55 -2.56 -11.35
N PHE A 151 -9.53 -1.75 -10.95
CA PHE A 151 -9.99 -1.67 -9.56
C PHE A 151 -11.35 -2.40 -9.39
N LEU A 152 -11.50 -3.08 -8.25
CA LEU A 152 -12.70 -3.82 -7.86
C LEU A 152 -13.15 -4.81 -8.93
N LYS A 153 -12.16 -5.37 -9.63
CA LYS A 153 -12.36 -6.35 -10.70
C LYS A 153 -13.05 -5.84 -11.98
N ASP A 154 -13.80 -4.74 -11.90
CA ASP A 154 -14.63 -4.25 -13.01
C ASP A 154 -14.27 -2.87 -13.58
N PHE A 155 -13.53 -2.07 -12.84
CA PHE A 155 -13.26 -0.72 -13.26
C PHE A 155 -11.81 -0.62 -13.79
N SER A 156 -11.64 -0.59 -15.12
CA SER A 156 -10.30 -0.52 -15.75
C SER A 156 -9.98 0.86 -16.34
N TYR A 157 -8.77 1.33 -16.09
CA TYR A 157 -8.36 2.71 -16.41
C TYR A 157 -6.92 2.80 -16.95
N ASN A 158 -6.73 3.71 -17.90
CA ASN A 158 -5.40 3.99 -18.46
C ASN A 158 -4.92 5.39 -18.08
N ARG A 159 -3.73 5.79 -18.54
CA ARG A 159 -3.13 7.05 -18.13
C ARG A 159 -4.02 8.23 -18.38
N GLU A 160 -4.69 8.23 -19.54
CA GLU A 160 -5.54 9.34 -19.91
C GLU A 160 -6.70 9.51 -18.92
N ASP A 161 -7.32 8.39 -18.52
CA ASP A 161 -8.40 8.42 -17.51
C ASP A 161 -8.01 9.13 -16.21
N PHE A 162 -6.79 8.92 -15.77
CA PHE A 162 -6.29 9.56 -14.55
C PHE A 162 -6.05 11.05 -14.77
N ALA A 163 -5.49 11.43 -15.92
CA ALA A 163 -5.28 12.84 -16.28
C ALA A 163 -6.60 13.61 -16.34
N LYS A 164 -7.63 12.93 -16.84
CA LYS A 164 -8.98 13.49 -16.95
C LYS A 164 -9.62 13.75 -15.60
N ALA A 165 -9.16 13.03 -14.56
CA ALA A 165 -9.66 13.28 -13.21
C ALA A 165 -8.98 14.50 -12.59
N GLY A 166 -7.98 15.06 -13.26
CA GLY A 166 -7.24 16.22 -12.74
C GLY A 166 -5.94 15.93 -11.99
N LEU A 167 -5.49 14.68 -12.06
CA LEU A 167 -4.26 14.24 -11.38
C LEU A 167 -3.11 14.72 -12.24
N GLN A 168 -2.00 15.09 -11.61
CA GLN A 168 -0.87 15.64 -12.35
C GLN A 168 -0.06 14.54 -13.02
N VAL A 169 0.53 14.92 -14.15
CA VAL A 169 1.36 14.04 -14.97
C VAL A 169 2.55 13.52 -14.17
N GLU A 170 3.08 14.39 -13.29
CA GLU A 170 4.20 14.08 -12.41
C GLU A 170 3.87 12.96 -11.39
N PHE A 171 2.58 12.71 -11.16
CA PHE A 171 2.05 11.70 -10.25
C PHE A 171 1.76 10.46 -11.03
N ILE A 172 0.97 10.63 -12.10
CA ILE A 172 0.55 9.51 -12.95
C ILE A 172 1.73 8.74 -13.51
N ASN A 173 2.74 9.42 -14.04
CA ASN A 173 3.78 8.71 -14.79
C ASN A 173 4.71 7.80 -13.96
N PRO A 174 5.21 8.31 -12.82
CA PRO A 174 5.91 7.40 -11.90
C PRO A 174 5.07 6.19 -11.41
N ILE A 175 3.76 6.33 -11.22
CA ILE A 175 2.95 5.19 -10.76
C ILE A 175 2.85 4.15 -11.84
N PHE A 176 2.65 4.61 -13.08
CA PHE A 176 2.70 3.64 -14.23
C PHE A 176 4.08 3.02 -14.43
N GLU A 177 5.14 3.79 -14.27
CA GLU A 177 6.50 3.27 -14.41
C GLU A 177 6.83 2.20 -13.35
N PHE A 178 6.43 2.46 -12.10
CA PHE A 178 6.51 1.50 -11.01
C PHE A 178 5.71 0.23 -11.27
N SER A 179 4.46 0.40 -11.69
CA SER A 179 3.59 -0.71 -11.98
C SER A 179 4.20 -1.64 -13.07
N ARG A 180 4.72 -1.05 -14.12
CA ARG A 180 5.41 -1.80 -15.15
C ARG A 180 6.68 -2.53 -14.61
N ALA A 181 7.53 -1.85 -13.85
CA ALA A 181 8.70 -2.49 -13.22
C ALA A 181 8.29 -3.65 -12.25
N MET A 182 7.18 -3.47 -11.52
CA MET A 182 6.68 -4.53 -10.60
C MET A 182 6.17 -5.74 -11.35
N ASN A 183 5.46 -5.48 -12.44
CA ASN A 183 4.95 -6.53 -13.32
C ASN A 183 6.05 -7.45 -13.87
N GLU A 184 7.19 -6.89 -14.22
CA GLU A 184 8.33 -7.69 -14.68
C GLU A 184 8.79 -8.72 -13.65
N LEU A 185 8.63 -8.40 -12.38
CA LEU A 185 8.98 -9.28 -11.27
C LEU A 185 8.03 -10.43 -11.15
N GLN A 186 6.78 -10.26 -11.57
CA GLN A 186 5.78 -11.33 -11.51
C GLN A 186 5.62 -11.93 -10.11
N LEU A 187 5.36 -11.07 -9.14
CA LEU A 187 5.13 -11.46 -7.78
C LEU A 187 3.80 -12.17 -7.64
N ASN A 188 3.74 -13.14 -6.76
CA ASN A 188 2.50 -13.88 -6.54
C ASN A 188 1.80 -13.33 -5.27
N ASP A 189 0.68 -13.94 -4.87
CA ASP A 189 -0.07 -13.43 -3.71
C ASP A 189 0.75 -13.44 -2.41
N ALA A 190 1.57 -14.49 -2.22
CA ALA A 190 2.40 -14.63 -1.00
C ALA A 190 3.43 -13.52 -0.96
N GLU A 191 4.06 -13.25 -2.10
CA GLU A 191 5.12 -12.25 -2.14
C GLU A 191 4.57 -10.85 -1.92
N PHE A 192 3.42 -10.55 -2.52
CA PHE A 192 2.73 -9.25 -2.29
C PHE A 192 2.34 -9.07 -0.83
N ALA A 193 1.79 -10.12 -0.24
CA ALA A 193 1.34 -10.07 1.15
C ALA A 193 2.50 -9.79 2.10
N LEU A 194 3.62 -10.48 1.89
CA LEU A 194 4.81 -10.29 2.70
C LEU A 194 5.42 -8.93 2.49
N LEU A 195 5.46 -8.46 1.25
CA LEU A 195 6.02 -7.15 1.02
C LEU A 195 5.18 -6.05 1.63
N ILE A 196 3.87 -6.23 1.64
CA ILE A 196 2.93 -5.29 2.27
C ILE A 196 3.21 -5.28 3.78
N ALA A 197 3.31 -6.46 4.39
CA ALA A 197 3.68 -6.59 5.81
C ALA A 197 4.99 -5.88 6.14
N ILE A 198 6.00 -6.09 5.30
CA ILE A 198 7.29 -5.49 5.51
C ILE A 198 7.22 -3.95 5.42
N SER A 199 6.42 -3.45 4.48
CA SER A 199 6.22 -2.00 4.35
C SER A 199 5.50 -1.39 5.58
N ILE A 200 4.53 -2.13 6.11
CA ILE A 200 3.75 -1.68 7.26
C ILE A 200 4.68 -1.65 8.49
N PHE A 201 5.54 -2.64 8.65
CA PHE A 201 6.39 -2.71 9.83
C PHE A 201 7.73 -2.05 9.62
N SER A 202 7.70 -0.76 9.27
CA SER A 202 8.88 0.06 9.06
C SER A 202 9.14 0.92 10.30
N ALA A 203 10.20 0.60 11.01
CA ALA A 203 10.48 1.22 12.32
C ALA A 203 10.87 2.70 12.19
N ASP A 204 11.35 3.09 11.01
CA ASP A 204 11.75 4.46 10.74
C ASP A 204 10.58 5.41 10.34
N ARG A 205 9.32 4.98 10.46
CA ARG A 205 8.21 5.89 10.15
C ARG A 205 8.21 6.99 11.20
N PRO A 206 7.79 8.22 10.83
CA PRO A 206 7.64 9.25 11.87
C PRO A 206 6.71 8.78 13.00
N ASN A 207 7.08 9.13 14.22
CA ASN A 207 6.22 9.03 15.40
C ASN A 207 5.99 7.62 15.93
N VAL A 208 6.88 6.69 15.57
CA VAL A 208 6.85 5.33 16.09
C VAL A 208 7.59 5.31 17.43
N GLN A 209 6.94 4.75 18.44
CA GLN A 209 7.53 4.68 19.75
C GLN A 209 8.38 3.41 19.88
N ASP A 210 7.74 2.23 19.76
CA ASP A 210 8.44 0.97 19.92
C ASP A 210 9.11 0.51 18.63
N GLN A 211 10.16 1.24 18.26
CA GLN A 211 10.92 0.97 17.09
C GLN A 211 11.56 -0.40 17.14
N LEU A 212 12.06 -0.81 18.29
CA LEU A 212 12.66 -2.15 18.44
C LEU A 212 11.68 -3.28 18.12
N GLN A 213 10.46 -3.17 18.64
CA GLN A 213 9.46 -4.20 18.38
C GLN A 213 9.00 -4.18 16.92
N VAL A 214 8.81 -2.99 16.37
CA VAL A 214 8.46 -2.83 14.93
C VAL A 214 9.53 -3.46 14.05
N GLU A 215 10.79 -3.20 14.36
CA GLU A 215 11.90 -3.80 13.60
C GLU A 215 11.98 -5.31 13.73
N ARG A 216 11.83 -5.82 14.94
CA ARG A 216 11.74 -7.24 15.21
C ARG A 216 10.68 -7.96 14.43
N LEU A 217 9.47 -7.40 14.44
CA LEU A 217 8.41 -7.88 13.58
C LEU A 217 8.79 -7.86 12.12
N GLN A 218 9.31 -6.73 11.62
CA GLN A 218 9.66 -6.62 10.21
C GLN A 218 10.60 -7.76 9.78
N HIS A 219 11.60 -8.04 10.61
CA HIS A 219 12.56 -9.08 10.32
C HIS A 219 11.95 -10.47 10.20
N THR A 220 10.87 -10.76 10.93
CA THR A 220 10.25 -12.06 10.82
C THR A 220 9.59 -12.21 9.43
N TYR A 221 9.03 -11.12 8.92
CA TYR A 221 8.45 -11.13 7.55
C TYR A 221 9.53 -11.19 6.49
N VAL A 222 10.63 -10.47 6.71
CA VAL A 222 11.81 -10.57 5.84
C VAL A 222 12.32 -12.01 5.76
N GLU A 223 12.47 -12.66 6.90
CA GLU A 223 12.99 -14.01 6.94
C GLU A 223 12.02 -14.97 6.25
N ALA A 224 10.71 -14.76 6.45
CA ALA A 224 9.67 -15.57 5.76
C ALA A 224 9.71 -15.37 4.24
N LEU A 225 9.84 -14.13 3.79
CA LEU A 225 9.99 -13.85 2.36
C LEU A 225 11.22 -14.51 1.79
N HIS A 226 12.33 -14.45 2.51
CA HIS A 226 13.55 -15.05 2.01
C HIS A 226 13.38 -16.56 1.79
N ALA A 227 12.88 -17.25 2.81
CA ALA A 227 12.58 -18.69 2.73
C ALA A 227 11.55 -19.06 1.66
N TYR A 228 10.46 -18.29 1.56
CA TYR A 228 9.45 -18.55 0.56
C TYR A 228 10.04 -18.42 -0.85
N VAL A 229 10.77 -17.34 -1.10
CA VAL A 229 11.29 -17.05 -2.42
C VAL A 229 12.32 -18.11 -2.82
N SER A 230 12.98 -18.71 -1.85
CA SER A 230 13.95 -19.75 -2.12
C SER A 230 13.28 -21.03 -2.68
N ILE A 231 11.99 -21.21 -2.36
CA ILE A 231 11.16 -22.31 -2.95
C ILE A 231 10.55 -21.87 -4.26
N HIS A 232 10.02 -20.63 -4.32
CA HIS A 232 9.41 -20.12 -5.55
C HIS A 232 10.42 -19.92 -6.67
N HIS A 233 11.65 -19.52 -6.31
CA HIS A 233 12.68 -19.16 -7.28
C HIS A 233 13.98 -19.85 -6.93
N PRO A 234 14.00 -21.20 -7.03
CA PRO A 234 15.09 -21.95 -6.46
C PRO A 234 16.44 -21.74 -7.20
N HIS A 235 16.43 -21.22 -8.42
CA HIS A 235 17.67 -20.99 -9.15
C HIS A 235 18.00 -19.51 -9.35
N ASP A 236 17.30 -18.61 -8.67
CA ASP A 236 17.55 -17.18 -8.84
C ASP A 236 17.58 -16.46 -7.51
N ARG A 237 18.78 -16.36 -6.95
CA ARG A 237 19.04 -15.74 -5.68
C ARG A 237 18.87 -14.22 -5.71
N LEU A 238 18.72 -13.59 -6.89
CA LEU A 238 18.47 -12.17 -6.96
C LEU A 238 17.01 -11.80 -6.72
N MET A 239 16.08 -12.75 -6.86
CA MET A 239 14.66 -12.42 -6.71
C MET A 239 14.31 -11.81 -5.33
N PHE A 240 14.83 -12.37 -4.27
CA PHE A 240 14.58 -11.89 -2.93
C PHE A 240 15.06 -10.42 -2.74
N PRO A 241 16.35 -10.16 -2.95
CA PRO A 241 16.72 -8.75 -2.87
C PRO A 241 16.02 -7.79 -3.86
N ARG A 242 15.67 -8.27 -5.06
CA ARG A 242 14.99 -7.42 -6.03
C ARG A 242 13.65 -6.97 -5.49
N MET A 243 12.98 -7.86 -4.78
CA MET A 243 11.69 -7.57 -4.16
C MET A 243 11.84 -6.56 -3.09
N LEU A 244 12.81 -6.79 -2.21
CA LEU A 244 13.12 -5.83 -1.14
C LEU A 244 13.46 -4.45 -1.68
N MET A 245 14.17 -4.39 -2.79
CA MET A 245 14.60 -3.11 -3.37
C MET A 245 13.43 -2.27 -3.91
N LYS A 246 12.29 -2.90 -4.16
CA LYS A 246 11.10 -2.15 -4.57
C LYS A 246 10.57 -1.27 -3.45
N LEU A 247 10.85 -1.63 -2.20
CA LEU A 247 10.49 -0.82 -1.04
C LEU A 247 11.19 0.53 -1.05
N VAL A 248 12.36 0.57 -1.65
CA VAL A 248 13.12 1.80 -1.85
C VAL A 248 12.38 2.73 -2.82
N SER A 249 11.92 2.18 -3.95
CA SER A 249 11.13 2.95 -4.93
C SER A 249 9.86 3.48 -4.32
N LEU A 250 9.20 2.65 -3.51
CA LEU A 250 8.01 3.09 -2.81
C LEU A 250 8.25 4.29 -1.93
N ARG A 251 9.44 4.42 -1.32
CA ARG A 251 9.67 5.63 -0.55
C ARG A 251 9.71 6.88 -1.40
N THR A 252 10.35 6.82 -2.55
CA THR A 252 10.36 7.98 -3.44
C THR A 252 8.95 8.34 -3.92
N LEU A 253 8.18 7.30 -4.22
CA LEU A 253 6.81 7.48 -4.67
C LEU A 253 5.90 8.10 -3.62
N SER A 254 6.17 7.82 -2.34
CA SER A 254 5.42 8.45 -1.27
C SER A 254 5.62 9.98 -1.31
N SER A 255 6.83 10.44 -1.63
CA SER A 255 7.08 11.89 -1.73
C SER A 255 6.44 12.50 -3.00
N VAL A 256 6.42 11.75 -4.11
CA VAL A 256 5.64 12.13 -5.29
C VAL A 256 4.16 12.31 -4.92
N HIS A 257 3.65 11.39 -4.13
CA HIS A 257 2.30 11.50 -3.59
C HIS A 257 2.06 12.73 -2.71
N SER A 258 2.96 13.04 -1.77
CA SER A 258 2.76 14.25 -0.95
C SER A 258 2.74 15.54 -1.81
N GLU A 259 3.42 15.51 -2.95
CA GLU A 259 3.43 16.64 -3.89
C GLU A 259 2.10 16.79 -4.61
N GLN A 260 1.47 15.67 -4.95
CA GLN A 260 0.14 15.68 -5.51
C GLN A 260 -0.91 16.15 -4.49
N VAL A 261 -0.74 15.74 -3.23
CA VAL A 261 -1.66 16.16 -2.19
C VAL A 261 -1.58 17.67 -2.00
N PHE A 262 -0.35 18.18 -2.04
CA PHE A 262 -0.09 19.62 -1.94
C PHE A 262 -0.77 20.39 -3.11
N ALA A 263 -0.60 19.91 -4.33
CA ALA A 263 -1.23 20.48 -5.53
C ALA A 263 -2.77 20.46 -5.47
N LEU A 264 -3.35 19.39 -4.94
CA LEU A 264 -4.79 19.34 -4.78
C LEU A 264 -5.31 20.47 -3.88
N ARG A 265 -4.56 20.83 -2.84
CA ARG A 265 -5.03 21.89 -1.95
C ARG A 265 -4.77 23.30 -2.50
N LEU A 266 -3.73 23.47 -3.32
CA LEU A 266 -3.59 24.67 -4.15
C LEU A 266 -4.82 24.86 -5.03
N GLN A 267 -5.34 23.78 -5.60
CA GLN A 267 -6.49 23.81 -6.50
C GLN A 267 -7.85 23.84 -5.80
N ASP A 268 -7.82 23.89 -4.46
CA ASP A 268 -9.03 23.80 -3.63
C ASP A 268 -9.88 22.57 -3.94
N LYS A 269 -9.19 21.47 -4.24
CA LYS A 269 -9.82 20.20 -4.55
C LYS A 269 -9.81 19.38 -3.24
N LYS A 270 -10.99 18.95 -2.79
CA LYS A 270 -11.12 18.42 -1.41
C LYS A 270 -11.03 16.89 -1.34
N LEU A 271 -10.13 16.42 -0.47
CA LEU A 271 -10.01 14.99 -0.19
C LEU A 271 -11.16 14.63 0.74
N PRO A 272 -11.75 13.46 0.53
CA PRO A 272 -12.76 13.01 1.47
C PRO A 272 -12.15 12.81 2.87
N PRO A 273 -12.98 12.88 3.92
CA PRO A 273 -12.50 12.87 5.31
C PRO A 273 -11.38 11.86 5.68
N LEU A 274 -11.55 10.57 5.38
CA LEU A 274 -10.52 9.54 5.68
C LEU A 274 -9.19 9.84 5.01
N LEU A 275 -9.26 10.14 3.70
CA LEU A 275 -8.05 10.50 2.98
C LEU A 275 -7.44 11.79 3.51
N SER A 276 -8.28 12.78 3.81
CA SER A 276 -7.77 14.03 4.38
C SER A 276 -7.05 13.80 5.73
N GLU A 277 -7.64 12.96 6.55
CA GLU A 277 -7.12 12.65 7.87
C GLU A 277 -5.69 12.05 7.83
N ILE A 278 -5.47 11.06 6.96
CA ILE A 278 -4.13 10.42 6.84
C ILE A 278 -3.10 11.26 6.05
N TRP A 279 -3.55 12.04 5.06
CA TRP A 279 -2.62 12.75 4.14
C TRP A 279 -2.51 14.27 4.20
N ASP A 280 -3.59 15.00 4.48
CA ASP A 280 -3.49 16.47 4.53
C ASP A 280 -2.62 16.94 5.69
N VAL A 281 -1.90 18.04 5.43
CA VAL A 281 -1.04 18.73 6.40
C VAL A 281 -1.82 19.84 7.15
N SER B 7 -1.72 13.69 20.67
CA SER B 7 -1.44 12.30 20.18
C SER B 7 -1.81 12.21 18.69
N LEU B 8 -1.27 11.21 17.99
CA LEU B 8 -1.78 10.90 16.65
C LEU B 8 -3.21 10.41 16.76
N THR B 9 -3.53 9.66 17.81
CA THR B 9 -4.84 9.01 17.93
C THR B 9 -5.99 10.04 17.88
N GLU B 10 -5.86 11.08 18.69
CA GLU B 10 -6.87 12.15 18.76
C GLU B 10 -7.08 12.87 17.42
N ARG B 11 -6.02 12.96 16.62
CA ARG B 11 -6.04 13.56 15.29
C ARG B 11 -6.45 12.60 14.16
N HIS B 12 -6.70 11.32 14.46
CA HIS B 12 -7.10 10.33 13.44
C HIS B 12 -8.30 9.53 13.86
N LYS B 13 -9.41 10.21 14.02
CA LYS B 13 -10.63 9.58 14.50
C LYS B 13 -11.16 8.44 13.63
N ILE B 14 -11.17 8.65 12.32
CA ILE B 14 -11.77 7.67 11.42
C ILE B 14 -10.86 6.43 11.41
N LEU B 15 -9.56 6.65 11.27
CA LEU B 15 -8.62 5.50 11.29
C LEU B 15 -8.71 4.76 12.63
N HIS B 16 -8.75 5.50 13.72
CA HIS B 16 -8.97 4.93 15.03
C HIS B 16 -10.23 4.05 15.14
N ARG B 17 -11.37 4.55 14.64
CA ARG B 17 -12.59 3.77 14.62
C ARG B 17 -12.45 2.50 13.79
N LEU B 18 -11.82 2.60 12.62
CA LEU B 18 -11.60 1.42 11.77
C LEU B 18 -10.77 0.36 12.54
N LEU B 19 -9.75 0.83 13.27
CA LEU B 19 -8.91 -0.06 14.06
C LEU B 19 -9.68 -0.71 15.20
N GLN B 20 -10.57 0.06 15.85
CA GLN B 20 -11.38 -0.46 16.98
C GLN B 20 -12.43 -1.51 16.58
N GLU B 21 -13.01 -1.38 15.38
CA GLU B 21 -14.01 -2.35 14.86
C GLU B 21 -13.65 -3.79 15.16
#